data_7X8N
#
_entry.id   7X8N
#
_entity_poly.entity_id   1
_entity_poly.type   'polydeoxyribonucleotide'
_entity_poly.pdbx_seq_one_letter_code
;(THM)(DG)(DA)(DG)(DG)(DG)(DC)(DG)(DG)(DT)(DG)(DT)(DG)(DG)(DG)(DA)(DA)(DT)(DA)
(DG)(DG)(DG)(DA)(DA)
;
_entity_poly.pdbx_strand_id   X
#
loop_
_chem_comp.id
_chem_comp.type
_chem_comp.name
_chem_comp.formula
DA DNA linking 2'-DEOXYADENOSINE-5'-MONOPHOSPHATE 'C10 H14 N5 O6 P'
DC DNA linking 2'-DEOXYCYTIDINE-5'-MONOPHOSPHATE 'C9 H14 N3 O7 P'
DG DNA linking 2'-DEOXYGUANOSINE-5'-MONOPHOSPHATE 'C10 H14 N5 O7 P'
DT DNA linking THYMIDINE-5'-MONOPHOSPHATE 'C10 H15 N2 O8 P'
THM DNA OH 5 prime terminus THYMIDINE 'C10 H14 N2 O5'
#
# COMPACT_ATOMS: atom_id res chain seq x y z
O5' THM A 1 1.66 2.29 -0.99
C5' THM A 1 0.76 3.22 -0.40
C4' THM A 1 -0.28 2.55 0.53
O4' THM A 1 -0.94 1.49 -0.17
C3' THM A 1 0.37 1.94 1.78
O3' THM A 1 -0.47 2.21 2.91
C2' THM A 1 0.39 0.45 1.48
C1' THM A 1 -0.89 0.33 0.65
N1 THM A 1 -0.96 -0.91 -0.18
C2 THM A 1 -2.08 -1.75 -0.02
O2 THM A 1 -3.00 -1.53 0.76
N3 THM A 1 -2.11 -2.90 -0.79
C4 THM A 1 -1.15 -3.28 -1.70
O4 THM A 1 -1.32 -4.33 -2.33
C5 THM A 1 -0.02 -2.37 -1.83
C5M THM A 1 1.11 -2.67 -2.80
C6 THM A 1 0.05 -1.23 -1.07
HO5' THM A 1 1.18 1.78 -1.68
H5'1 THM A 1 0.21 3.75 -1.19
H5'2 THM A 1 1.31 3.95 0.18
H4' THM A 1 -1.01 3.30 0.84
H3' THM A 1 1.38 2.32 1.93
H2'1 THM A 1 1.27 0.21 0.89
H2'2 THM A 1 0.34 -0.16 2.38
H1' THM A 1 -1.74 0.37 1.34
HN3 THM A 1 -2.91 -3.50 -0.68
HM51 THM A 1 1.55 -3.63 -2.55
HM52 THM A 1 1.88 -1.90 -2.77
HM53 THM A 1 0.71 -2.73 -3.81
H6 THM A 1 0.89 -0.57 -1.18
O5' THM A 1 1.83 2.46 -0.72
C5' THM A 1 0.85 3.34 -0.20
C4' THM A 1 -0.14 2.63 0.75
O4' THM A 1 -0.69 1.48 0.10
C3' THM A 1 0.52 2.16 2.04
O3' THM A 1 -0.36 2.43 3.13
C2' THM A 1 0.67 0.66 1.83
C1' THM A 1 -0.58 0.38 0.99
N1 THM A 1 -0.52 -0.91 0.25
C2 THM A 1 -1.52 -1.86 0.50
O2 THM A 1 -2.45 -1.69 1.29
N3 THM A 1 -1.42 -3.06 -0.17
C4 THM A 1 -0.44 -3.41 -1.07
O4 THM A 1 -0.49 -4.51 -1.61
C5 THM A 1 0.58 -2.38 -1.29
C5M THM A 1 1.71 -2.62 -2.27
C6 THM A 1 0.51 -1.19 -0.63
HO5' THM A 1 1.41 1.89 -1.41
H5'1 THM A 1 0.28 3.80 -1.01
H5'2 THM A 1 1.33 4.15 0.36
H4' THM A 1 -0.95 3.33 1.00
H3' THM A 1 1.49 2.63 2.19
H2'1 THM A 1 1.58 0.46 1.26
H2'2 THM A 1 0.67 0.10 2.76
H1' THM A 1 -1.43 0.40 1.67
HN3 THM A 1 -2.14 -3.75 0.01
HM51 THM A 1 2.29 -3.48 -1.94
HM52 THM A 1 2.38 -1.76 -2.33
HM53 THM A 1 1.31 -2.84 -3.26
H6 THM A 1 1.27 -0.43 -0.81
O5' THM A 1 -2.60 4.53 1.23
C5' THM A 1 -2.44 3.32 0.48
C4' THM A 1 -1.67 2.25 1.27
O4' THM A 1 -1.50 1.09 0.45
C3' THM A 1 -0.26 2.70 1.71
O3' THM A 1 -0.04 2.48 3.09
C2' THM A 1 0.67 1.79 0.91
C1' THM A 1 -0.22 0.56 0.75
N1 THM A 1 0.23 -0.39 -0.30
C2 THM A 1 0.55 -1.71 0.08
O2 THM A 1 0.47 -2.12 1.23
N3 THM A 1 0.96 -2.56 -0.93
C4 THM A 1 1.08 -2.24 -2.26
O4 THM A 1 1.46 -3.11 -3.04
C5 THM A 1 0.73 -0.86 -2.60
C5M THM A 1 0.78 -0.38 -4.04
C6 THM A 1 0.33 0.01 -1.62
HO5' THM A 1 -2.45 4.34 2.19
H5'1 THM A 1 -1.92 3.53 -0.45
H5'2 THM A 1 -3.43 2.92 0.23
H4' THM A 1 -2.25 1.98 2.15
H3' THM A 1 -0.06 3.75 1.45
H2'1 THM A 1 0.91 2.24 -0.05
H2'2 THM A 1 1.58 1.56 1.47
H1' THM A 1 -0.27 0.05 1.72
HN3 THM A 1 1.18 -3.50 -0.65
HM51 THM A 1 0.48 0.66 -4.12
HM52 THM A 1 0.11 -1.00 -4.64
HM53 THM A 1 1.80 -0.51 -4.42
H6 THM A 1 0.05 1.02 -1.89
O5' THM A 1 1.85 2.46 -0.43
C5' THM A 1 0.91 3.43 0.01
C4' THM A 1 -0.11 2.84 1.01
O4' THM A 1 -0.72 1.67 0.46
C3' THM A 1 0.54 2.45 2.35
O3' THM A 1 -0.30 2.87 3.42
C2' THM A 1 0.57 0.92 2.27
C1' THM A 1 -0.69 0.65 1.46
N1 THM A 1 -0.75 -0.70 0.83
C2 THM A 1 -1.85 -1.51 1.09
O2 THM A 1 -2.79 -1.18 1.83
N3 THM A 1 -1.88 -2.74 0.49
C4 THM A 1 -0.92 -3.26 -0.34
O4 THM A 1 -1.08 -4.38 -0.82
C5 THM A 1 0.23 -2.37 -0.57
C5M THM A 1 1.38 -2.82 -1.46
C6 THM A 1 0.29 -1.15 0.02
HO5' THM A 1 1.40 1.81 -1.00
H5'1 THM A 1 0.36 3.82 -0.85
H5'2 THM A 1 1.43 4.25 0.48
H4' THM A 1 -0.87 3.61 1.21
H3' THM A 1 1.54 2.86 2.44
H2'1 THM A 1 1.46 0.61 1.74
H2'2 THM A 1 0.52 0.46 3.26
H1' THM A 1 -1.55 0.80 2.12
HN3 THM A 1 -2.68 -3.33 0.68
HM51 THM A 1 1.75 -3.79 -1.13
HM52 THM A 1 2.19 -2.10 -1.44
HM53 THM A 1 1.01 -2.94 -2.48
H6 THM A 1 1.14 -0.50 -0.17
O5' THM A 1 1.75 2.42 -0.79
C5' THM A 1 0.83 3.38 -0.30
C4' THM A 1 -0.22 2.77 0.64
O4' THM A 1 -0.87 1.66 0.01
C3' THM A 1 0.38 2.24 1.96
O3' THM A 1 -0.49 2.59 3.03
C2' THM A 1 0.39 0.73 1.75
C1' THM A 1 -0.87 0.57 0.90
N1 THM A 1 -0.94 -0.73 0.17
C2 THM A 1 -2.05 -1.55 0.39
O2 THM A 1 -2.98 -1.27 1.17
N3 THM A 1 -2.09 -2.75 -0.28
C4 THM A 1 -1.13 -3.22 -1.15
O4 THM A 1 -1.30 -4.31 -1.69
C5 THM A 1 0.01 -2.31 -1.35
C5M THM A 1 1.13 -2.68 -2.30
C6 THM A 1 0.07 -1.12 -0.69
HO5' THM A 1 1.29 1.85 -1.44
H5'1 THM A 1 0.32 3.85 -1.13
H5'2 THM A 1 1.36 4.15 0.25
H4' THM A 1 -0.97 3.54 0.88
H3' THM A 1 1.38 2.63 2.11
H2'1 THM A 1 1.29 0.45 1.19
H2'2 THM A 1 0.33 0.18 2.69
H1' THM A 1 -1.73 0.68 1.57
HN3 THM A 1 -2.88 -3.34 -0.11
HM51 THM A 1 1.90 -1.91 -2.32
HM52 THM A 1 0.72 -2.83 -3.30
HM53 THM A 1 1.58 -3.63 -1.97
H6 THM A 1 0.91 -0.45 -0.85
O5' THM A 1 1.57 2.27 -0.89
C5' THM A 1 0.69 3.23 -0.34
C4' THM A 1 -0.33 2.60 0.63
O4' THM A 1 -1.01 1.52 -0.01
C3' THM A 1 0.32 2.04 1.91
O3' THM A 1 -0.48 2.39 3.03
C2' THM A 1 0.28 0.54 1.69
C1' THM A 1 -1.01 0.41 0.88
N1 THM A 1 -1.14 -0.88 0.13
C2 THM A 1 -2.23 -1.70 0.43
O2 THM A 1 -3.12 -1.42 1.24
N3 THM A 1 -2.30 -2.91 -0.23
C4 THM A 1 -1.38 -3.38 -1.14
O4 THM A 1 -1.56 -4.49 -1.64
C5 THM A 1 -0.26 -2.48 -1.40
C5M THM A 1 0.83 -2.86 -2.39
C6 THM A 1 -0.17 -1.28 -0.76
HO5' THM A 1 1.08 1.70 -1.51
H5'1 THM A 1 0.14 3.73 -1.14
H5'2 THM A 1 1.26 3.98 0.21
H4' THM A 1 -1.06 3.37 0.91
H3' THM A 1 1.35 2.40 2.02
H2'1 THM A 1 1.15 0.23 1.10
H2'2 THM A 1 0.23 -0.02 2.62
H1' THM A 1 -1.85 0.52 1.57
HN3 THM A 1 -3.07 -3.51 -0.02
HM51 THM A 1 0.37 -3.08 -3.36
HM52 THM A 1 1.34 -3.76 -2.05
HM53 THM A 1 1.55 -2.06 -2.53
H6 THM A 1 0.67 -0.62 -0.97
O5' THM A 1 1.67 2.54 -0.91
C5' THM A 1 0.79 3.53 -0.42
C4' THM A 1 -0.30 2.96 0.52
O4' THM A 1 -0.97 1.88 -0.13
C3' THM A 1 0.29 2.41 1.83
O3' THM A 1 -0.56 2.77 2.91
C2' THM A 1 0.25 0.90 1.62
C1' THM A 1 -1.01 0.78 0.76
N1 THM A 1 -1.11 -0.51 0.01
C2 THM A 1 -2.25 -1.30 0.20
O2 THM A 1 -3.18 -0.99 0.94
N3 THM A 1 -2.30 -2.50 -0.48
C4 THM A 1 -1.33 -2.97 -1.33
O4 THM A 1 -1.52 -4.06 -1.88
C5 THM A 1 -0.16 -2.11 -1.49
C5M THM A 1 0.98 -2.52 -2.40
C6 THM A 1 -0.08 -0.93 -0.82
HO5' THM A 1 1.20 2.00 -1.58
H5'1 THM A 1 0.29 4.04 -1.25
H5'2 THM A 1 1.36 4.28 0.13
H4' THM A 1 -1.00 3.76 0.75
H3' THM A 1 1.31 2.76 1.99
H2'1 THM A 1 1.14 0.58 1.09
H2'2 THM A 1 0.15 0.35 2.56
H1' THM A 1 -1.87 0.89 1.42
HN3 THM A 1 -3.12 -3.06 -0.34
HM51 THM A 1 0.59 -2.65 -3.42
HM52 THM A 1 1.40 -3.47 -2.06
HM53 THM A 1 1.76 -1.76 -2.41
H6 THM A 1 0.78 -0.29 -0.95
O5' THM A 1 1.63 2.29 -0.34
C5' THM A 1 0.56 3.14 0.06
C4' THM A 1 -0.34 2.52 1.16
O4' THM A 1 -0.83 1.25 0.74
C3' THM A 1 0.42 2.31 2.48
O3' THM A 1 -0.41 2.72 3.56
C2' THM A 1 0.62 0.79 2.51
C1' THM A 1 -0.65 0.33 1.79
N1 THM A 1 -0.52 -1.08 1.29
C2 THM A 1 -1.29 -2.08 1.92
O2 THM A 1 -2.08 -1.86 2.82
N3 THM A 1 -1.11 -3.36 1.47
C4 THM A 1 -0.25 -3.76 0.46
O4 THM A 1 -0.21 -4.95 0.16
C5 THM A 1 0.54 -2.68 -0.13
C5M THM A 1 1.52 -2.97 -1.25
C6 THM A 1 0.38 -1.39 0.29
HO5' THM A 1 1.29 1.64 -0.98
H5'1 THM A 1 -0.06 3.38 -0.80
H5'2 THM A 1 0.96 4.07 0.45
H4' THM A 1 -1.17 3.20 1.34
H3' THM A 1 1.37 2.83 2.48
H2'1 THM A 1 1.51 0.54 1.93
H2'2 THM A 1 0.68 0.40 3.52
H1' THM A 1 -1.48 0.41 2.50
HN3 THM A 1 -1.66 -4.08 1.91
HM51 THM A 1 0.99 -3.44 -2.08
HM52 THM A 1 2.28 -3.65 -0.89
HM53 THM A 1 1.99 -2.06 -1.61
H6 THM A 1 0.96 -0.59 -0.15
O5' THM A 1 1.80 2.12 -0.97
C5' THM A 1 0.77 3.02 -0.57
C4' THM A 1 -0.20 2.43 0.47
O4' THM A 1 -0.79 1.23 -0.03
C3' THM A 1 0.51 2.08 1.79
O3' THM A 1 -0.35 2.44 2.88
C2' THM A 1 0.66 0.56 1.71
C1' THM A 1 -0.60 0.20 0.93
N1 THM A 1 -0.50 -1.14 0.29
C2 THM A 1 -1.31 -2.17 0.76
O2 THM A 1 -2.15 -2.05 1.66
N3 THM A 1 -1.14 -3.41 0.19
C4 THM A 1 -0.25 -3.72 -0.82
O4 THM A 1 -0.20 -4.88 -1.23
C5 THM A 1 0.58 -2.60 -1.26
C5M THM A 1 1.60 -2.80 -2.37
C6 THM A 1 0.43 -1.36 -0.71
HO5' THM A 1 1.65 1.83 -1.89
H5'1 THM A 1 0.19 3.32 -1.45
H5'2 THM A 1 1.22 3.92 -0.16
H4' THM A 1 -0.98 3.16 0.67
H3' THM A 1 1.47 2.57 1.87
H2'1 THM A 1 1.55 0.32 1.14
H2'2 THM A 1 0.67 0.09 2.69
H1' THM A 1 -1.44 0.22 1.62
HN3 THM A 1 -1.72 -4.16 0.53
HM51 THM A 1 2.36 -3.52 -2.05
HM52 THM A 1 2.09 -1.86 -2.63
HM53 THM A 1 1.11 -3.18 -3.26
H6 THM A 1 1.04 -0.55 -1.06
O5' THM A 1 1.92 2.07 -1.10
C5' THM A 1 0.96 2.98 -0.59
C4' THM A 1 -0.09 2.29 0.30
O4' THM A 1 -0.69 1.20 -0.40
C3' THM A 1 0.52 1.73 1.60
O3' THM A 1 -0.35 2.04 2.68
C2' THM A 1 0.55 0.23 1.34
C1' THM A 1 -0.68 0.07 0.46
N1 THM A 1 -0.71 -1.20 -0.31
C2 THM A 1 -1.80 -2.07 -0.13
O2 THM A 1 -2.75 -1.84 0.63
N3 THM A 1 -1.78 -3.25 -0.83
C4 THM A 1 -0.79 -3.65 -1.71
O4 THM A 1 -0.92 -4.73 -2.28
C5 THM A 1 0.32 -2.70 -1.86
C5M THM A 1 1.47 -3.01 -2.80
C6 THM A 1 0.32 -1.53 -1.17
HO5' THM A 1 1.51 1.52 -1.80
H5'1 THM A 1 0.44 3.47 -1.42
H5'2 THM A 1 1.46 3.76 -0.02
H4' THM A 1 -0.85 3.03 0.56
H3' THM A 1 1.53 2.13 1.77
H2'1 THM A 1 1.47 -0.02 0.81
H2'2 THM A 1 0.47 -0.34 2.26
H1' THM A 1 -1.56 0.14 1.11
HN3 THM A 1 -2.56 -3.87 -0.69
HM51 THM A 1 1.07 -3.16 -3.81
HM52 THM A 1 1.96 -3.93 -2.47
HM53 THM A 1 2.20 -2.21 -2.82
H6 THM A 1 1.14 -0.83 -1.30
#